data_5XFD
#
_entry.id   5XFD
#
_cell.length_a   105.795
_cell.length_b   105.795
_cell.length_c   75.460
_cell.angle_alpha   90.000
_cell.angle_beta   90.000
_cell.angle_gamma   120.000
#
_symmetry.space_group_name_H-M   'P 65'
#
loop_
_entity.id
_entity.type
_entity.pdbx_description
1 polymer 'Galactoside-binding lectin'
2 branched alpha-L-fucopyranose-(1-2)-[2-acetamido-2-deoxy-alpha-D-galactopyranose-(1-3)]beta-D-galactopyranose-(1-4)-2-acetamido-2-deoxy-alpha-D-glucopyranose
3 water water
#
_entity_poly.entity_id   1
_entity_poly.type   'polypeptide(L)'
_entity_poly.pdbx_seq_one_letter_code
;(MSE)DYKDDDDKH(MSE)TTSAVNIYNISAGASVDLAAPVTTGDIVTFFSSALNLSAGAGSPNNTALNLLSENGAYLLH
IAFRLQENVIVFNSRQPNAPWLVEQRVSNVANQFIGSGGKA(MSE)VTVFDHGDKYQVVINEKTVIQYTKQISGTTSSLS
YNSTEGTSIFSTVVEAVTYTGLAKLAAALE
;
_entity_poly.pdbx_strand_id   A,B
#
# COMPACT_ATOMS: atom_id res chain seq x y z
N THR A 12 -2.51 19.43 4.88
CA THR A 12 -1.67 18.43 4.22
C THR A 12 -2.40 17.72 3.09
N THR A 13 -1.83 17.74 1.88
CA THR A 13 -2.39 16.99 0.77
C THR A 13 -1.39 15.89 0.39
N SER A 14 -1.71 14.66 0.76
CA SER A 14 -0.89 13.51 0.38
C SER A 14 -1.33 12.97 -0.99
N ALA A 15 -0.54 12.09 -1.55
CA ALA A 15 -0.88 11.56 -2.87
C ALA A 15 -0.67 10.05 -2.95
N VAL A 16 -1.49 9.42 -3.79
CA VAL A 16 -1.36 8.02 -4.15
C VAL A 16 -1.07 7.93 -5.65
N ASN A 17 -0.01 7.16 -6.03
CA ASN A 17 0.26 6.91 -7.45
C ASN A 17 0.42 5.41 -7.66
N ILE A 18 -0.05 4.91 -8.81
CA ILE A 18 -0.04 3.48 -9.12
C ILE A 18 0.73 3.26 -10.43
N TYR A 19 1.63 2.26 -10.44
CA TYR A 19 2.49 1.97 -11.62
C TYR A 19 2.45 0.50 -11.93
N ASN A 20 2.45 0.13 -13.20
CA ASN A 20 2.64 -1.28 -13.58
C ASN A 20 4.03 -1.44 -14.13
N ILE A 21 4.81 -2.35 -13.55
CA ILE A 21 6.22 -2.50 -13.96
C ILE A 21 6.41 -3.93 -14.50
N SER A 22 6.70 -4.07 -15.80
CA SER A 22 7.04 -5.39 -16.34
C SER A 22 8.47 -5.83 -15.98
N ALA A 23 8.69 -7.15 -15.96
CA ALA A 23 10.04 -7.66 -15.76
C ALA A 23 10.97 -7.11 -16.86
N GLY A 24 12.11 -6.55 -16.43
CA GLY A 24 13.04 -5.95 -17.38
C GLY A 24 12.71 -4.53 -17.80
N ALA A 25 11.88 -3.84 -17.06
CA ALA A 25 11.49 -2.48 -17.37
C ALA A 25 11.72 -1.55 -16.17
N SER A 26 11.51 -0.26 -16.40
N SER A 26 11.68 -0.24 -16.47
CA SER A 26 11.60 0.72 -15.33
CA SER A 26 11.80 0.84 -15.49
C SER A 26 10.52 1.78 -15.53
C SER A 26 10.58 1.78 -15.58
N VAL A 27 10.20 2.48 -14.44
N VAL A 27 10.41 2.59 -14.54
CA VAL A 27 9.30 3.64 -14.49
CA VAL A 27 9.37 3.63 -14.55
C VAL A 27 9.96 4.85 -13.86
C VAL A 27 9.90 4.86 -13.81
N ASP A 28 9.67 6.03 -14.40
CA ASP A 28 10.00 7.31 -13.74
C ASP A 28 8.77 7.73 -12.91
N LEU A 29 8.97 8.09 -11.65
CA LEU A 29 7.87 8.43 -10.76
C LEU A 29 7.34 9.85 -11.01
N ALA A 30 6.01 9.99 -10.90
CA ALA A 30 5.40 11.31 -11.01
C ALA A 30 5.59 12.15 -9.78
N ALA A 31 5.71 11.52 -8.62
CA ALA A 31 5.97 12.19 -7.34
C ALA A 31 7.14 11.46 -6.73
N PRO A 32 8.23 12.14 -6.39
CA PRO A 32 9.38 11.41 -5.85
C PRO A 32 9.13 10.91 -4.43
N VAL A 33 9.86 9.87 -4.05
CA VAL A 33 9.75 9.27 -2.71
C VAL A 33 10.90 9.79 -1.85
N THR A 34 10.59 10.41 -0.71
CA THR A 34 11.62 10.98 0.16
C THR A 34 11.28 10.58 1.61
N THR A 35 11.98 11.20 2.57
CA THR A 35 11.82 10.83 3.98
C THR A 35 10.36 10.92 4.44
N GLY A 36 9.87 9.82 5.06
CA GLY A 36 8.51 9.72 5.54
C GLY A 36 7.59 8.98 4.58
N ASP A 37 8.00 8.74 3.35
CA ASP A 37 7.14 8.17 2.30
C ASP A 37 7.27 6.65 2.21
N ILE A 38 6.37 6.02 1.44
CA ILE A 38 6.23 4.56 1.37
C ILE A 38 6.15 4.11 -0.09
N VAL A 39 6.80 2.96 -0.43
CA VAL A 39 6.55 2.25 -1.69
C VAL A 39 6.15 0.83 -1.36
N THR A 40 5.08 0.32 -1.97
CA THR A 40 4.72 -1.11 -1.83
C THR A 40 4.69 -1.74 -3.23
N PHE A 41 5.32 -2.92 -3.37
CA PHE A 41 5.24 -3.70 -4.60
C PHE A 41 4.33 -4.90 -4.38
N PHE A 42 3.41 -5.15 -5.32
CA PHE A 42 2.49 -6.28 -5.25
C PHE A 42 2.80 -7.27 -6.36
N SER A 43 2.91 -8.56 -6.01
CA SER A 43 3.09 -9.65 -6.98
C SER A 43 1.92 -10.60 -6.90
N SER A 44 1.40 -10.99 -8.05
CA SER A 44 0.27 -11.92 -8.10
C SER A 44 0.73 -13.38 -8.28
N ALA A 45 2.03 -13.63 -8.17
CA ALA A 45 2.61 -14.98 -8.23
C ALA A 45 3.79 -15.04 -7.27
N LEU A 46 4.17 -16.29 -6.93
CA LEU A 46 5.35 -16.48 -6.09
C LEU A 46 5.92 -17.85 -6.44
N ASN A 47 7.03 -17.86 -7.19
CA ASN A 47 7.57 -19.10 -7.79
C ASN A 47 8.78 -19.48 -6.93
N LEU A 48 8.60 -20.45 -6.05
CA LEU A 48 9.66 -20.92 -5.18
C LEU A 48 10.12 -22.32 -5.57
N SER A 49 9.95 -22.70 -6.85
CA SER A 49 10.30 -24.05 -7.31
C SER A 49 11.81 -24.29 -7.32
N ALA A 50 12.20 -25.57 -7.20
CA ALA A 50 13.63 -25.92 -7.07
C ALA A 50 14.30 -26.47 -8.33
N GLY A 51 13.59 -27.11 -9.23
CA GLY A 51 14.28 -27.78 -10.34
C GLY A 51 14.28 -27.02 -11.66
N ALA A 52 13.96 -27.71 -12.76
CA ALA A 52 13.83 -26.99 -14.04
C ALA A 52 12.65 -25.99 -13.97
N GLY A 53 12.85 -24.81 -14.50
CA GLY A 53 11.88 -23.72 -14.29
C GLY A 53 12.07 -22.89 -13.04
N SER A 54 13.07 -23.21 -12.22
N SER A 54 13.08 -23.21 -12.23
CA SER A 54 13.29 -22.41 -11.03
CA SER A 54 13.39 -22.41 -11.05
C SER A 54 13.71 -20.99 -11.42
C SER A 54 13.70 -20.97 -11.46
N PRO A 55 13.36 -19.99 -10.63
CA PRO A 55 13.59 -18.60 -11.03
C PRO A 55 15.05 -18.22 -11.02
N ASN A 56 15.38 -17.35 -11.94
CA ASN A 56 16.68 -16.65 -11.90
C ASN A 56 16.70 -15.61 -10.77
N ASN A 57 17.90 -15.10 -10.44
CA ASN A 57 18.02 -14.00 -9.47
C ASN A 57 17.15 -12.84 -9.95
N THR A 58 16.36 -12.27 -9.04
CA THR A 58 15.37 -11.25 -9.38
C THR A 58 15.52 -10.07 -8.43
N ALA A 59 15.53 -8.83 -8.95
CA ALA A 59 15.70 -7.66 -8.07
C ALA A 59 14.64 -6.60 -8.29
N LEU A 60 14.32 -5.90 -7.21
CA LEU A 60 13.56 -4.65 -7.26
C LEU A 60 14.47 -3.52 -6.82
N ASN A 61 14.40 -2.38 -7.52
CA ASN A 61 15.37 -1.28 -7.30
C ASN A 61 14.68 0.07 -7.08
N LEU A 62 15.25 0.85 -6.16
CA LEU A 62 14.89 2.27 -5.96
C LEU A 62 16.09 3.06 -6.44
N LEU A 63 15.90 3.96 -7.42
CA LEU A 63 17.00 4.69 -8.06
C LEU A 63 16.86 6.19 -7.89
N SER A 64 17.98 6.90 -7.81
CA SER A 64 17.98 8.36 -7.79
C SER A 64 17.97 8.94 -9.20
N GLU A 65 17.87 10.27 -9.28
CA GLU A 65 17.79 10.93 -10.58
C GLU A 65 19.05 10.75 -11.43
N ASN A 66 20.24 10.49 -10.84
CA ASN A 66 21.44 10.25 -11.66
C ASN A 66 21.73 8.76 -11.87
N GLY A 67 20.78 7.89 -11.52
CA GLY A 67 20.96 6.47 -11.75
C GLY A 67 21.67 5.72 -10.65
N ALA A 68 21.93 6.35 -9.50
CA ALA A 68 22.45 5.58 -8.35
C ALA A 68 21.40 4.59 -7.88
N TYR A 69 21.85 3.41 -7.43
CA TYR A 69 20.96 2.45 -6.80
C TYR A 69 20.92 2.77 -5.30
N LEU A 70 19.87 3.50 -4.87
CA LEU A 70 19.74 3.82 -3.44
C LEU A 70 19.44 2.55 -2.65
N LEU A 71 18.57 1.68 -3.20
CA LEU A 71 18.30 0.39 -2.55
C LEU A 71 18.07 -0.62 -3.66
N HIS A 72 18.86 -1.70 -3.63
CA HIS A 72 18.74 -2.86 -4.54
C HIS A 72 18.38 -4.05 -3.68
N ILE A 73 17.25 -4.70 -3.99
CA ILE A 73 16.77 -5.85 -3.21
C ILE A 73 16.83 -7.05 -4.15
N ALA A 74 17.79 -7.99 -3.96
CA ALA A 74 17.98 -9.12 -4.87
C ALA A 74 17.53 -10.41 -4.19
N PHE A 75 16.53 -11.09 -4.75
CA PHE A 75 16.09 -12.39 -4.26
C PHE A 75 16.80 -13.47 -5.02
N ARG A 76 17.56 -14.31 -4.31
CA ARG A 76 18.42 -15.31 -4.95
C ARG A 76 17.99 -16.66 -4.41
N LEU A 77 17.17 -17.39 -5.17
CA LEU A 77 16.63 -18.64 -4.61
C LEU A 77 17.68 -19.74 -4.52
N GLN A 78 18.56 -19.88 -5.54
CA GLN A 78 19.54 -20.99 -5.48
C GLN A 78 20.63 -20.77 -4.43
N GLU A 79 21.10 -19.54 -4.28
CA GLU A 79 22.02 -19.20 -3.20
C GLU A 79 21.30 -19.13 -1.86
N ASN A 80 19.97 -19.02 -1.88
CA ASN A 80 19.10 -19.02 -0.68
C ASN A 80 19.37 -17.82 0.22
N VAL A 81 19.43 -16.62 -0.40
CA VAL A 81 19.62 -15.36 0.33
C VAL A 81 18.83 -14.24 -0.32
N ILE A 82 18.47 -13.22 0.47
CA ILE A 82 18.06 -11.91 -0.04
C ILE A 82 19.23 -10.96 0.22
N VAL A 83 19.70 -10.28 -0.82
CA VAL A 83 20.82 -9.35 -0.73
C VAL A 83 20.29 -7.92 -0.80
N PHE A 84 20.74 -7.02 0.11
CA PHE A 84 20.40 -5.61 0.10
C PHE A 84 21.68 -4.81 -0.11
N ASN A 85 21.69 -3.86 -1.06
CA ASN A 85 22.93 -3.11 -1.32
C ASN A 85 22.59 -1.80 -2.04
N SER A 86 23.64 -0.99 -2.24
CA SER A 86 23.55 0.31 -2.93
C SER A 86 24.75 0.44 -3.84
N ARG A 87 24.64 1.36 -4.81
CA ARG A 87 25.88 1.73 -5.52
C ARG A 87 25.71 3.02 -6.33
N GLN A 88 26.83 3.70 -6.50
CA GLN A 88 26.86 4.88 -7.33
C GLN A 88 26.90 4.47 -8.81
N PRO A 89 26.54 5.37 -9.70
CA PRO A 89 26.50 5.01 -11.13
C PRO A 89 27.88 4.59 -11.63
N ASN A 90 27.91 3.43 -12.29
CA ASN A 90 29.11 2.90 -12.94
C ASN A 90 30.24 2.60 -11.95
N ALA A 91 29.94 2.46 -10.68
CA ALA A 91 30.97 2.20 -9.66
C ALA A 91 30.77 0.82 -9.06
N PRO A 92 31.72 0.33 -8.27
CA PRO A 92 31.51 -0.96 -7.57
C PRO A 92 30.34 -0.92 -6.61
N TRP A 93 29.71 -2.08 -6.43
CA TRP A 93 28.71 -2.26 -5.36
C TRP A 93 29.34 -2.03 -3.99
N LEU A 94 28.52 -1.52 -3.03
CA LEU A 94 28.99 -1.24 -1.68
C LEU A 94 28.84 -2.50 -0.81
N VAL A 95 28.72 -2.33 0.52
CA VAL A 95 28.82 -3.50 1.41
C VAL A 95 27.45 -4.19 1.52
N GLU A 96 27.40 -5.47 1.13
CA GLU A 96 26.12 -6.22 1.16
C GLU A 96 25.63 -6.45 2.59
N GLN A 97 24.30 -6.35 2.75
CA GLN A 97 23.62 -6.95 3.90
C GLN A 97 22.80 -8.14 3.42
N ARG A 98 22.84 -9.24 4.15
CA ARG A 98 22.19 -10.47 3.68
C ARG A 98 21.22 -11.02 4.71
N VAL A 99 20.11 -11.54 4.22
CA VAL A 99 19.16 -12.29 5.05
C VAL A 99 19.06 -13.68 4.44
N SER A 100 19.31 -14.71 5.24
CA SER A 100 19.25 -16.11 4.76
C SER A 100 17.83 -16.67 4.74
N ASN A 101 17.62 -17.68 3.89
N ASN A 101 17.64 -17.68 3.89
CA ASN A 101 16.40 -18.49 3.85
CA ASN A 101 16.43 -18.49 3.78
C ASN A 101 15.23 -17.74 3.20
C ASN A 101 15.27 -17.71 3.19
N VAL A 102 15.23 -17.70 1.86
CA VAL A 102 14.21 -16.94 1.14
C VAL A 102 12.79 -17.41 1.46
N ALA A 103 12.53 -18.72 1.37
CA ALA A 103 11.15 -19.18 1.53
C ALA A 103 10.61 -18.83 2.91
N ASN A 104 11.46 -18.84 3.94
CA ASN A 104 10.95 -18.55 5.29
C ASN A 104 10.46 -17.11 5.42
N GLN A 105 10.92 -16.21 4.57
CA GLN A 105 10.47 -14.82 4.67
C GLN A 105 9.10 -14.61 4.07
N PHE A 106 8.56 -15.59 3.34
CA PHE A 106 7.26 -15.51 2.72
C PHE A 106 6.22 -16.46 3.32
N ILE A 107 6.44 -17.01 4.51
CA ILE A 107 5.45 -17.95 5.02
C ILE A 107 4.11 -17.24 5.20
N GLY A 108 3.02 -17.97 4.92
CA GLY A 108 1.69 -17.41 4.93
C GLY A 108 1.24 -16.79 3.63
N SER A 109 2.17 -16.61 2.67
CA SER A 109 1.88 -15.83 1.45
C SER A 109 0.72 -16.41 0.65
N GLY A 110 0.76 -17.71 0.37
CA GLY A 110 -0.24 -18.31 -0.48
C GLY A 110 -0.24 -17.84 -1.93
N GLY A 111 0.91 -17.87 -2.60
CA GLY A 111 0.94 -17.61 -4.04
C GLY A 111 0.97 -16.16 -4.46
N LYS A 112 1.06 -15.23 -3.52
CA LYS A 112 1.09 -13.79 -3.81
C LYS A 112 2.02 -13.16 -2.79
N ALA A 113 2.45 -11.91 -3.03
CA ALA A 113 3.36 -11.32 -2.05
C ALA A 113 3.28 -9.81 -2.14
N VAL A 115 5.79 -6.40 -0.92
CA VAL A 115 7.09 -5.95 -0.40
C VAL A 115 6.98 -4.45 -0.17
N THR A 116 7.13 -4.00 1.10
CA THR A 116 6.95 -2.58 1.42
C THR A 116 8.28 -1.99 1.86
N VAL A 117 8.62 -0.79 1.33
CA VAL A 117 9.82 -0.06 1.74
C VAL A 117 9.37 1.24 2.38
N PHE A 118 9.75 1.47 3.66
CA PHE A 118 9.56 2.77 4.29
C PHE A 118 10.86 3.55 4.24
N ASP A 119 10.81 4.82 3.80
CA ASP A 119 12.04 5.66 3.85
C ASP A 119 11.99 6.41 5.18
N HIS A 120 12.83 6.02 6.13
CA HIS A 120 12.88 6.68 7.43
C HIS A 120 14.02 7.69 7.55
N GLY A 121 14.58 8.13 6.43
CA GLY A 121 15.63 9.17 6.47
C GLY A 121 17.03 8.59 6.57
N ASP A 122 17.38 8.01 7.72
CA ASP A 122 18.69 7.40 7.90
C ASP A 122 18.67 5.91 7.52
N LYS A 123 17.49 5.30 7.42
CA LYS A 123 17.35 3.86 7.16
C LYS A 123 16.19 3.63 6.21
N TYR A 124 16.25 2.54 5.45
CA TYR A 124 15.07 1.96 4.79
C TYR A 124 14.61 0.75 5.61
N GLN A 125 13.33 0.71 6.01
CA GLN A 125 12.76 -0.49 6.64
C GLN A 125 12.05 -1.30 5.56
N VAL A 126 12.38 -2.57 5.43
CA VAL A 126 11.80 -3.44 4.38
C VAL A 126 10.94 -4.51 5.04
N VAL A 127 9.67 -4.62 4.59
CA VAL A 127 8.69 -5.53 5.21
C VAL A 127 8.16 -6.43 4.11
N ILE A 128 8.19 -7.74 4.33
CA ILE A 128 7.66 -8.71 3.38
C ILE A 128 6.34 -9.20 4.00
N ASN A 129 5.19 -8.91 3.34
CA ASN A 129 3.86 -9.14 3.91
C ASN A 129 3.74 -8.36 5.24
N GLU A 130 3.68 -9.03 6.39
CA GLU A 130 3.65 -8.31 7.67
C GLU A 130 4.99 -8.33 8.44
N LYS A 131 6.01 -9.02 7.93
CA LYS A 131 7.25 -9.27 8.66
C LYS A 131 8.36 -8.28 8.26
N THR A 132 8.90 -7.52 9.24
CA THR A 132 10.09 -6.72 8.98
C THR A 132 11.29 -7.64 8.80
N VAL A 133 11.94 -7.54 7.65
CA VAL A 133 13.08 -8.42 7.36
C VAL A 133 14.41 -7.69 7.56
N ILE A 134 14.46 -6.37 7.40
CA ILE A 134 15.73 -5.64 7.70
C ILE A 134 15.41 -4.18 7.98
N GLN A 135 16.23 -3.56 8.86
CA GLN A 135 16.37 -2.11 8.98
C GLN A 135 17.73 -1.76 8.37
N TYR A 136 17.70 -1.31 7.10
CA TYR A 136 18.93 -1.12 6.31
C TYR A 136 19.45 0.29 6.53
N THR A 137 20.64 0.42 7.11
CA THR A 137 21.29 1.73 7.21
C THR A 137 21.74 2.20 5.84
N LYS A 138 21.30 3.38 5.44
CA LYS A 138 21.60 3.88 4.10
C LYS A 138 23.09 4.03 3.88
N GLN A 139 23.55 3.57 2.69
CA GLN A 139 24.92 3.82 2.27
C GLN A 139 25.04 5.00 1.32
N ILE A 140 23.96 5.38 0.64
CA ILE A 140 23.83 6.54 -0.22
C ILE A 140 22.51 7.21 0.15
N SER A 141 22.53 8.53 0.31
N SER A 141 22.52 8.52 0.31
CA SER A 141 21.31 9.27 0.61
CA SER A 141 21.26 9.19 0.61
C SER A 141 20.72 9.85 -0.66
C SER A 141 20.72 9.89 -0.62
N GLY A 142 19.44 10.23 -0.58
CA GLY A 142 18.84 10.93 -1.69
C GLY A 142 17.40 10.55 -1.90
N THR A 143 16.79 11.21 -2.86
N THR A 143 16.76 11.24 -2.83
CA THR A 143 15.39 11.02 -3.22
CA THR A 143 15.36 10.99 -3.17
C THR A 143 15.25 9.94 -4.29
C THR A 143 15.25 9.94 -4.26
N THR A 144 14.23 9.08 -4.14
CA THR A 144 13.93 8.06 -5.16
C THR A 144 13.07 8.67 -6.28
N SER A 145 13.57 8.62 -7.53
N SER A 145 13.60 8.63 -7.52
CA SER A 145 12.86 9.19 -8.68
CA SER A 145 12.95 9.15 -8.70
C SER A 145 12.47 8.18 -9.75
C SER A 145 12.53 8.06 -9.67
N SER A 146 12.94 6.93 -9.67
N SER A 146 13.00 6.82 -9.49
CA SER A 146 12.53 5.85 -10.58
CA SER A 146 12.69 5.79 -10.47
C SER A 146 12.65 4.51 -9.86
C SER A 146 12.62 4.45 -9.77
N LEU A 147 11.89 3.50 -10.38
CA LEU A 147 11.87 2.13 -9.87
C LEU A 147 12.20 1.21 -11.03
N SER A 148 12.83 0.05 -10.75
CA SER A 148 13.05 -0.90 -11.86
C SER A 148 12.96 -2.33 -11.33
N TYR A 149 12.84 -3.28 -12.27
CA TYR A 149 12.52 -4.67 -11.95
C TYR A 149 13.34 -5.55 -12.89
N ASN A 150 14.33 -6.30 -12.38
CA ASN A 150 15.30 -7.06 -13.21
C ASN A 150 15.20 -8.55 -12.89
N SER A 151 14.97 -9.40 -13.90
CA SER A 151 14.98 -10.85 -13.66
C SER A 151 16.07 -11.56 -14.43
N THR A 152 17.18 -10.85 -14.73
CA THR A 152 18.31 -11.45 -15.44
C THR A 152 17.87 -11.97 -16.82
N GLU A 153 16.86 -11.35 -17.43
CA GLU A 153 16.28 -11.76 -18.72
C GLU A 153 15.79 -13.21 -18.73
N GLY A 154 15.41 -13.72 -17.57
CA GLY A 154 14.95 -15.10 -17.47
C GLY A 154 13.73 -15.16 -16.56
N THR A 155 13.53 -16.32 -15.95
CA THR A 155 12.33 -16.60 -15.16
C THR A 155 12.34 -15.82 -13.86
N SER A 156 11.24 -15.17 -13.51
CA SER A 156 11.20 -14.34 -12.32
C SER A 156 10.60 -15.09 -11.13
N ILE A 157 10.98 -14.67 -9.91
CA ILE A 157 10.30 -15.18 -8.71
C ILE A 157 8.91 -14.57 -8.56
N PHE A 158 8.63 -13.45 -9.18
CA PHE A 158 7.36 -12.73 -9.06
C PHE A 158 6.60 -12.83 -10.37
N SER A 159 5.37 -12.27 -10.39
CA SER A 159 4.59 -12.21 -11.63
C SER A 159 5.30 -11.33 -12.68
N THR A 160 4.98 -11.60 -13.97
CA THR A 160 5.68 -10.86 -15.03
C THR A 160 5.39 -9.36 -14.96
N VAL A 161 4.23 -8.93 -14.47
CA VAL A 161 3.97 -7.53 -14.14
C VAL A 161 3.79 -7.43 -12.63
N VAL A 162 4.54 -6.54 -12.00
N VAL A 162 4.48 -6.47 -12.03
CA VAL A 162 4.25 -6.21 -10.61
CA VAL A 162 4.39 -6.17 -10.58
C VAL A 162 3.58 -4.84 -10.60
C VAL A 162 3.81 -4.77 -10.44
N GLU A 163 2.77 -4.60 -9.59
CA GLU A 163 2.18 -3.29 -9.40
C GLU A 163 2.91 -2.57 -8.25
N ALA A 164 3.25 -1.30 -8.43
CA ALA A 164 3.82 -0.53 -7.34
C ALA A 164 2.88 0.60 -6.98
N VAL A 165 2.69 0.81 -5.67
CA VAL A 165 1.88 1.92 -5.18
C VAL A 165 2.76 2.79 -4.30
N THR A 166 2.78 4.10 -4.55
CA THR A 166 3.52 5.00 -3.67
C THR A 166 2.55 5.87 -2.88
N TYR A 167 2.93 6.15 -1.63
CA TYR A 167 2.22 7.11 -0.76
C TYR A 167 3.20 8.21 -0.44
N THR A 168 2.93 9.43 -0.91
CA THR A 168 3.90 10.54 -0.80
C THR A 168 3.23 11.77 -0.22
N GLY A 169 4.06 12.75 0.15
CA GLY A 169 3.51 13.95 0.79
C GLY A 169 2.94 13.66 2.16
N LEU A 170 3.58 12.75 2.91
CA LEU A 170 3.07 12.31 4.20
C LEU A 170 3.57 13.21 5.32
N ALA A 171 4.86 13.56 5.30
CA ALA A 171 5.48 14.32 6.41
C ALA A 171 5.48 15.81 6.12
N THR B 12 12.80 4.57 14.06
CA THR B 12 11.37 4.49 13.79
C THR B 12 11.04 3.11 13.26
N THR B 13 10.11 2.42 13.92
CA THR B 13 9.67 1.12 13.46
C THR B 13 8.19 1.24 13.09
N SER B 14 7.91 1.07 11.82
CA SER B 14 6.54 1.12 11.34
C SER B 14 6.01 -0.30 11.19
N ALA B 15 4.72 -0.42 10.91
CA ALA B 15 4.12 -1.74 10.77
C ALA B 15 3.13 -1.81 9.62
N VAL B 16 3.04 -3.00 9.01
CA VAL B 16 2.04 -3.33 8.00
C VAL B 16 1.14 -4.41 8.55
N ASN B 17 -0.19 -4.20 8.49
CA ASN B 17 -1.12 -5.29 8.86
C ASN B 17 -2.13 -5.48 7.77
N ILE B 18 -2.53 -6.73 7.53
CA ILE B 18 -3.42 -7.09 6.43
C ILE B 18 -4.67 -7.76 7.01
N TYR B 19 -5.86 -7.36 6.55
CA TYR B 19 -7.12 -7.92 7.04
C TYR B 19 -8.06 -8.28 5.88
N ASN B 20 -8.78 -9.37 5.99
CA ASN B 20 -9.81 -9.73 5.02
C ASN B 20 -11.17 -9.42 5.66
N ILE B 21 -11.96 -8.54 5.05
CA ILE B 21 -13.26 -8.16 5.62
C ILE B 21 -14.37 -8.62 4.67
N SER B 22 -15.24 -9.51 5.14
CA SER B 22 -16.44 -9.89 4.37
C SER B 22 -17.55 -8.85 4.45
N ALA B 23 -18.39 -8.82 3.42
CA ALA B 23 -19.57 -7.96 3.46
C ALA B 23 -20.44 -8.34 4.65
N GLY B 24 -20.79 -7.32 5.46
CA GLY B 24 -21.57 -7.63 6.66
C GLY B 24 -20.73 -8.01 7.87
N ALA B 25 -19.45 -7.70 7.88
CA ALA B 25 -18.55 -8.10 8.96
C ALA B 25 -17.68 -6.93 9.42
N SER B 26 -17.05 -7.16 10.59
N SER B 26 -16.98 -7.16 10.53
CA SER B 26 -16.16 -6.21 11.27
CA SER B 26 -16.07 -6.15 11.09
C SER B 26 -14.82 -6.88 11.61
C SER B 26 -14.86 -6.84 11.68
N VAL B 27 -13.77 -6.07 11.78
CA VAL B 27 -12.50 -6.55 12.33
C VAL B 27 -11.99 -5.59 13.38
N ASP B 28 -11.39 -6.12 14.42
CA ASP B 28 -10.66 -5.28 15.38
C ASP B 28 -9.19 -5.21 14.92
N LEU B 29 -8.60 -4.01 14.97
CA LEU B 29 -7.23 -3.85 14.48
C LEU B 29 -6.20 -4.26 15.53
N ALA B 30 -5.11 -4.90 15.05
CA ALA B 30 -4.01 -5.26 15.93
C ALA B 30 -3.18 -4.04 16.29
N ALA B 31 -3.13 -3.05 15.40
CA ALA B 31 -2.42 -1.79 15.65
C ALA B 31 -3.40 -0.67 15.31
N PRO B 32 -3.69 0.24 16.23
CA PRO B 32 -4.67 1.29 15.93
C PRO B 32 -4.14 2.32 14.95
N VAL B 33 -5.08 2.96 14.26
CA VAL B 33 -4.75 3.98 13.24
C VAL B 33 -4.96 5.34 13.90
N THR B 34 -3.90 6.14 13.96
CA THR B 34 -3.99 7.49 14.55
C THR B 34 -3.33 8.51 13.60
N THR B 35 -3.11 9.74 14.08
CA THR B 35 -2.62 10.81 13.24
C THR B 35 -1.33 10.40 12.53
N GLY B 36 -1.31 10.60 11.21
CA GLY B 36 -0.14 10.22 10.42
C GLY B 36 -0.27 8.89 9.72
N ASP B 37 -1.26 8.06 10.05
CA ASP B 37 -1.35 6.68 9.57
C ASP B 37 -2.30 6.59 8.38
N ILE B 38 -2.30 5.42 7.73
CA ILE B 38 -3.01 5.20 6.45
C ILE B 38 -3.78 3.88 6.50
N VAL B 39 -5.02 3.87 5.95
N VAL B 39 -4.99 3.86 5.94
CA VAL B 39 -5.76 2.62 5.69
CA VAL B 39 -5.70 2.61 5.67
C VAL B 39 -6.10 2.58 4.20
C VAL B 39 -6.06 2.59 4.18
N THR B 40 -5.81 1.46 3.51
CA THR B 40 -6.27 1.30 2.11
C THR B 40 -7.17 0.07 2.04
N PHE B 41 -8.32 0.19 1.37
CA PHE B 41 -9.23 -0.90 1.08
C PHE B 41 -9.07 -1.28 -0.40
N PHE B 42 -8.92 -2.58 -0.68
CA PHE B 42 -8.79 -3.09 -2.06
C PHE B 42 -9.99 -3.95 -2.38
N SER B 43 -10.59 -3.72 -3.55
CA SER B 43 -11.70 -4.52 -4.05
C SER B 43 -11.28 -5.16 -5.36
N SER B 44 -11.57 -6.44 -5.51
CA SER B 44 -11.25 -7.16 -6.73
C SER B 44 -12.38 -7.13 -7.74
N ALA B 45 -13.43 -6.34 -7.48
CA ALA B 45 -14.54 -6.16 -8.40
C ALA B 45 -15.05 -4.71 -8.30
N LEU B 46 -15.77 -4.29 -9.35
CA LEU B 46 -16.43 -2.98 -9.32
C LEU B 46 -17.75 -3.13 -10.05
N ASN B 47 -18.87 -3.09 -9.31
CA ASN B 47 -20.19 -3.44 -9.86
C ASN B 47 -20.99 -2.14 -9.89
N LEU B 48 -20.91 -1.43 -11.01
CA LEU B 48 -21.60 -0.14 -11.11
C LEU B 48 -22.88 -0.22 -11.92
N SER B 49 -23.26 -1.42 -12.36
CA SER B 49 -24.43 -1.63 -13.23
C SER B 49 -25.71 -1.12 -12.57
N ASN B 56 -28.48 -1.91 -2.83
CA ASN B 56 -27.20 -1.72 -3.53
C ASN B 56 -26.22 -0.85 -2.73
N ASN B 57 -26.77 -0.01 -1.84
CA ASN B 57 -25.96 0.87 -0.99
C ASN B 57 -24.90 0.09 -0.20
N THR B 58 -23.69 0.59 -0.22
CA THR B 58 -22.52 -0.09 0.34
C THR B 58 -21.76 0.90 1.20
N ALA B 59 -21.25 0.45 2.37
CA ALA B 59 -20.48 1.37 3.19
C ALA B 59 -19.19 0.75 3.73
N LEU B 60 -18.18 1.62 3.89
CA LEU B 60 -16.93 1.30 4.62
C LEU B 60 -16.84 2.22 5.82
N ASN B 61 -16.46 1.67 6.98
CA ASN B 61 -16.45 2.43 8.24
C ASN B 61 -15.16 2.33 9.00
N LEU B 62 -14.77 3.46 9.61
CA LEU B 62 -13.69 3.54 10.60
C LEU B 62 -14.33 3.83 11.95
N LEU B 63 -14.10 2.97 12.94
CA LEU B 63 -14.79 3.05 14.25
C LEU B 63 -13.80 3.19 15.39
N SER B 64 -14.22 3.90 16.45
CA SER B 64 -13.41 4.02 17.65
C SER B 64 -13.68 2.85 18.62
N GLU B 65 -12.89 2.79 19.70
CA GLU B 65 -13.06 1.66 20.61
C GLU B 65 -14.42 1.65 21.31
N ASN B 66 -15.07 2.80 21.47
CA ASN B 66 -16.39 2.83 22.10
C ASN B 66 -17.52 2.71 21.07
N GLY B 67 -17.22 2.42 19.80
CA GLY B 67 -18.26 2.20 18.78
C GLY B 67 -18.73 3.45 18.07
N ALA B 68 -18.07 4.60 18.26
CA ALA B 68 -18.41 5.75 17.42
C ALA B 68 -17.99 5.49 15.97
N TYR B 69 -18.78 6.02 15.05
CA TYR B 69 -18.40 6.01 13.61
C TYR B 69 -17.57 7.28 13.39
N LEU B 70 -16.24 7.14 13.40
CA LEU B 70 -15.37 8.29 13.11
C LEU B 70 -15.53 8.73 11.65
N LEU B 71 -15.58 7.76 10.71
CA LEU B 71 -15.81 8.07 9.30
C LEU B 71 -16.66 6.95 8.72
N HIS B 72 -17.84 7.29 8.20
CA HIS B 72 -18.73 6.39 7.47
C HIS B 72 -18.74 6.86 6.02
N ILE B 73 -18.38 5.97 5.08
CA ILE B 73 -18.33 6.31 3.64
C ILE B 73 -19.41 5.46 2.98
N ALA B 74 -20.51 6.08 2.51
CA ALA B 74 -21.61 5.30 1.91
C ALA B 74 -21.68 5.58 0.42
N PHE B 75 -21.60 4.53 -0.39
CA PHE B 75 -21.71 4.64 -1.85
C PHE B 75 -23.15 4.28 -2.20
N ARG B 76 -23.88 5.23 -2.81
CA ARG B 76 -25.31 5.07 -3.12
C ARG B 76 -25.51 5.19 -4.62
N LEU B 77 -25.67 4.07 -5.31
CA LEU B 77 -25.74 4.14 -6.77
C LEU B 77 -27.05 4.70 -7.31
N GLN B 78 -28.20 4.35 -6.70
CA GLN B 78 -29.45 4.88 -7.23
C GLN B 78 -29.61 6.38 -6.96
N GLU B 79 -29.21 6.82 -5.75
CA GLU B 79 -29.19 8.25 -5.42
C GLU B 79 -28.03 8.98 -6.12
N ASN B 80 -27.02 8.23 -6.59
CA ASN B 80 -25.87 8.75 -7.35
C ASN B 80 -25.00 9.72 -6.55
N VAL B 81 -24.69 9.34 -5.30
N VAL B 81 -24.68 9.35 -5.30
CA VAL B 81 -23.89 10.17 -4.40
CA VAL B 81 -23.92 10.20 -4.39
C VAL B 81 -23.00 9.27 -3.55
C VAL B 81 -23.04 9.30 -3.51
N ILE B 82 -21.92 9.86 -3.03
CA ILE B 82 -21.11 9.27 -1.96
C ILE B 82 -21.36 10.15 -0.75
N VAL B 83 -21.78 9.56 0.35
CA VAL B 83 -22.10 10.30 1.58
C VAL B 83 -20.99 10.05 2.60
N PHE B 84 -20.53 11.12 3.27
CA PHE B 84 -19.53 11.01 4.35
C PHE B 84 -20.13 11.57 5.63
N ASN B 85 -20.01 10.85 6.75
CA ASN B 85 -20.63 11.31 8.00
C ASN B 85 -19.96 10.63 9.19
N SER B 86 -20.37 11.04 10.40
CA SER B 86 -19.88 10.50 11.67
C SER B 86 -21.07 10.39 12.62
N ARG B 87 -20.92 9.55 13.66
CA ARG B 87 -21.94 9.54 14.73
C ARG B 87 -21.38 8.95 16.02
N GLN B 88 -21.89 9.44 17.15
CA GLN B 88 -21.58 8.82 18.44
C GLN B 88 -22.36 7.53 18.59
N PRO B 89 -21.95 6.66 19.50
CA PRO B 89 -22.73 5.43 19.67
C PRO B 89 -24.13 5.76 20.23
N ASN B 90 -25.13 5.06 19.69
CA ASN B 90 -26.51 5.18 20.15
C ASN B 90 -27.08 6.60 20.00
N ALA B 91 -26.51 7.39 19.10
CA ALA B 91 -26.99 8.77 18.91
C ALA B 91 -27.27 9.03 17.44
N PRO B 92 -27.97 10.11 17.12
CA PRO B 92 -28.26 10.43 15.70
C PRO B 92 -27.01 10.76 14.86
N TRP B 93 -27.11 10.51 13.56
CA TRP B 93 -26.06 10.93 12.63
C TRP B 93 -25.84 12.46 12.68
N LEU B 94 -24.63 12.88 12.37
CA LEU B 94 -24.25 14.31 12.35
C LEU B 94 -24.42 14.88 10.94
N VAL B 95 -23.66 15.92 10.54
CA VAL B 95 -23.95 16.63 9.29
C VAL B 95 -23.31 15.92 8.10
N GLU B 96 -24.13 15.53 7.12
CA GLU B 96 -23.58 14.85 5.92
C GLU B 96 -22.77 15.78 5.03
N GLN B 97 -21.67 15.25 4.45
CA GLN B 97 -20.99 15.83 3.29
C GLN B 97 -21.23 14.91 2.12
N ARG B 98 -21.55 15.46 0.96
CA ARG B 98 -21.89 14.66 -0.21
C ARG B 98 -20.99 15.00 -1.38
N VAL B 99 -20.63 13.97 -2.15
CA VAL B 99 -19.98 14.13 -3.45
C VAL B 99 -20.87 13.47 -4.51
N SER B 100 -21.22 14.22 -5.55
CA SER B 100 -22.13 13.72 -6.59
C SER B 100 -21.40 12.90 -7.65
N ASN B 101 -22.16 11.98 -8.28
N ASN B 101 -22.18 11.99 -8.27
CA ASN B 101 -21.73 11.23 -9.46
CA ASN B 101 -21.80 11.18 -9.43
C ASN B 101 -20.74 10.12 -9.11
C ASN B 101 -20.76 10.13 -9.09
N VAL B 102 -21.26 8.96 -8.69
CA VAL B 102 -20.39 7.89 -8.17
C VAL B 102 -19.43 7.41 -9.25
N ALA B 103 -19.95 7.10 -10.44
CA ALA B 103 -19.13 6.48 -11.47
C ALA B 103 -17.96 7.37 -11.87
N ASN B 104 -18.15 8.69 -11.91
CA ASN B 104 -17.05 9.55 -12.32
C ASN B 104 -15.90 9.57 -11.31
N GLN B 105 -16.10 9.10 -10.08
CA GLN B 105 -14.99 9.04 -9.14
C GLN B 105 -14.11 7.81 -9.37
N PHE B 106 -14.57 6.83 -10.15
CA PHE B 106 -13.83 5.58 -10.39
C PHE B 106 -13.29 5.49 -11.82
N ILE B 107 -13.27 6.60 -12.57
CA ILE B 107 -12.75 6.60 -13.94
C ILE B 107 -11.38 5.95 -14.00
N GLY B 108 -11.15 5.14 -15.03
CA GLY B 108 -9.86 4.48 -15.19
C GLY B 108 -9.65 3.24 -14.34
N SER B 109 -10.67 2.82 -13.58
CA SER B 109 -10.54 1.73 -12.62
C SER B 109 -10.25 0.40 -13.31
N GLY B 110 -11.12 0.01 -14.23
CA GLY B 110 -10.95 -1.28 -14.89
C GLY B 110 -11.24 -2.49 -14.03
N GLY B 111 -12.44 -2.56 -13.46
CA GLY B 111 -12.87 -3.78 -12.80
C GLY B 111 -12.34 -3.98 -11.39
N LYS B 112 -11.55 -3.06 -10.86
CA LYS B 112 -11.00 -3.20 -9.50
C LYS B 112 -10.96 -1.82 -8.91
N ALA B 113 -10.77 -1.71 -7.59
CA ALA B 113 -10.72 -0.36 -7.02
C ALA B 113 -9.92 -0.32 -5.73
N VAL B 115 -9.52 2.29 -2.21
CA VAL B 115 -10.02 3.46 -1.44
C VAL B 115 -9.02 3.70 -0.30
N THR B 116 -8.38 4.88 -0.25
CA THR B 116 -7.36 5.16 0.76
C THR B 116 -7.84 6.26 1.69
N VAL B 117 -7.67 6.08 3.01
CA VAL B 117 -7.97 7.12 3.98
C VAL B 117 -6.69 7.50 4.70
N PHE B 118 -6.28 8.78 4.62
CA PHE B 118 -5.19 9.31 5.41
C PHE B 118 -5.76 9.99 6.64
N ASP B 119 -5.23 9.67 7.83
CA ASP B 119 -5.60 10.40 9.05
C ASP B 119 -4.64 11.58 9.22
N HIS B 120 -5.13 12.81 8.97
CA HIS B 120 -4.27 14.00 9.09
C HIS B 120 -4.53 14.77 10.40
N GLY B 121 -5.14 14.15 11.38
CA GLY B 121 -5.31 14.80 12.67
C GLY B 121 -6.63 15.49 12.80
N ASP B 122 -6.77 16.64 12.14
CA ASP B 122 -8.06 17.36 12.18
C ASP B 122 -8.92 17.03 10.95
N LYS B 123 -8.38 16.31 9.96
CA LYS B 123 -9.14 15.95 8.77
C LYS B 123 -8.81 14.52 8.38
N TYR B 124 -9.75 13.87 7.69
CA TYR B 124 -9.46 12.65 6.90
C TYR B 124 -9.41 13.03 5.41
N GLN B 125 -8.34 12.63 4.71
CA GLN B 125 -8.29 12.77 3.26
C GLN B 125 -8.66 11.44 2.63
N VAL B 126 -9.68 11.42 1.74
CA VAL B 126 -10.14 10.19 1.10
C VAL B 126 -9.79 10.23 -0.38
N VAL B 127 -9.12 9.17 -0.85
CA VAL B 127 -8.59 9.09 -2.22
C VAL B 127 -9.16 7.82 -2.84
N ILE B 128 -9.80 7.94 -4.00
CA ILE B 128 -10.28 6.77 -4.75
C ILE B 128 -9.33 6.57 -5.92
N ASN B 129 -8.62 5.44 -5.96
CA ASN B 129 -7.51 5.20 -6.91
C ASN B 129 -6.46 6.30 -6.75
N GLU B 130 -6.27 7.21 -7.72
CA GLU B 130 -5.31 8.31 -7.56
C GLU B 130 -6.00 9.66 -7.26
N LYS B 131 -7.34 9.71 -7.18
CA LYS B 131 -8.07 10.99 -7.12
C LYS B 131 -8.53 11.33 -5.70
N THR B 132 -8.14 12.50 -5.18
CA THR B 132 -8.68 12.94 -3.90
C THR B 132 -10.13 13.38 -4.09
N VAL B 133 -11.06 12.74 -3.38
CA VAL B 133 -12.49 13.05 -3.48
C VAL B 133 -12.99 14.02 -2.41
N ILE B 134 -12.38 14.02 -1.21
CA ILE B 134 -12.80 14.93 -0.15
C ILE B 134 -11.64 15.12 0.84
N GLN B 135 -11.54 16.32 1.42
CA GLN B 135 -10.83 16.58 2.67
C GLN B 135 -11.92 16.80 3.71
N TYR B 136 -12.21 15.78 4.50
CA TYR B 136 -13.34 15.74 5.43
C TYR B 136 -12.87 16.30 6.79
N THR B 137 -13.44 17.43 7.23
CA THR B 137 -13.10 17.93 8.56
C THR B 137 -13.78 17.04 9.63
N LYS B 138 -13.00 16.56 10.59
CA LYS B 138 -13.55 15.57 11.51
C LYS B 138 -14.66 16.17 12.36
N GLN B 139 -15.76 15.42 12.54
CA GLN B 139 -16.79 15.85 13.48
C GLN B 139 -16.64 15.22 14.86
N ILE B 140 -15.93 14.09 14.91
CA ILE B 140 -15.56 13.38 16.13
C ILE B 140 -14.08 13.06 16.01
N SER B 141 -13.31 13.30 17.06
CA SER B 141 -11.91 12.93 16.97
C SER B 141 -11.65 11.62 17.72
N GLY B 142 -10.51 11.00 17.45
CA GLY B 142 -10.12 9.81 18.18
C GLY B 142 -9.38 8.83 17.29
N THR B 143 -8.97 7.73 17.91
CA THR B 143 -8.18 6.69 17.26
C THR B 143 -9.09 5.65 16.64
N THR B 144 -8.73 5.17 15.46
CA THR B 144 -9.51 4.08 14.82
C THR B 144 -9.04 2.73 15.35
N SER B 145 -9.96 1.94 15.92
N SER B 145 -9.97 1.97 15.95
CA SER B 145 -9.61 0.63 16.46
CA SER B 145 -9.66 0.66 16.51
C SER B 145 -10.34 -0.52 15.79
C SER B 145 -10.34 -0.47 15.78
N SER B 146 -11.31 -0.25 14.92
N SER B 146 -11.25 -0.19 14.85
CA SER B 146 -11.95 -1.33 14.16
CA SER B 146 -12.02 -1.23 14.17
C SER B 146 -12.44 -0.77 12.82
C SER B 146 -12.46 -0.73 12.80
N LEU B 147 -12.65 -1.68 11.87
CA LEU B 147 -13.14 -1.38 10.51
C LEU B 147 -14.34 -2.26 10.23
N SER B 148 -15.30 -1.76 9.45
CA SER B 148 -16.42 -2.64 9.04
C SER B 148 -16.86 -2.32 7.63
N TYR B 149 -17.58 -3.26 7.03
CA TYR B 149 -18.01 -3.22 5.64
C TYR B 149 -19.46 -3.67 5.61
N ASN B 150 -20.40 -2.80 5.18
CA ASN B 150 -21.81 -3.11 5.16
C ASN B 150 -22.39 -3.10 3.76
N SER B 151 -23.19 -4.10 3.44
CA SER B 151 -24.00 -4.05 2.25
C SER B 151 -25.42 -4.51 2.61
N THR B 155 -25.66 -7.67 -2.17
CA THR B 155 -25.30 -7.23 -3.53
C THR B 155 -24.59 -5.86 -3.52
N SER B 156 -23.28 -5.92 -3.53
CA SER B 156 -22.38 -4.84 -3.19
C SER B 156 -21.77 -4.21 -4.45
N ILE B 157 -21.32 -2.97 -4.33
CA ILE B 157 -20.51 -2.36 -5.40
C ILE B 157 -19.11 -2.97 -5.45
N PHE B 158 -18.64 -3.57 -4.37
CA PHE B 158 -17.31 -4.15 -4.26
C PHE B 158 -17.39 -5.69 -4.25
N SER B 159 -16.22 -6.33 -4.24
CA SER B 159 -16.16 -7.78 -4.07
C SER B 159 -16.69 -8.21 -2.69
N THR B 160 -17.13 -9.46 -2.61
CA THR B 160 -17.68 -9.97 -1.34
C THR B 160 -16.69 -9.89 -0.20
N VAL B 161 -15.40 -10.07 -0.47
CA VAL B 161 -14.34 -9.85 0.50
C VAL B 161 -13.52 -8.67 0.01
N VAL B 162 -13.32 -7.68 0.87
CA VAL B 162 -12.36 -6.62 0.59
C VAL B 162 -11.15 -6.79 1.49
N GLU B 163 -9.97 -6.49 0.96
CA GLU B 163 -8.74 -6.55 1.74
C GLU B 163 -8.38 -5.18 2.26
N ALA B 164 -8.10 -5.05 3.56
CA ALA B 164 -7.65 -3.77 4.10
C ALA B 164 -6.21 -3.88 4.55
N VAL B 165 -5.39 -2.91 4.18
CA VAL B 165 -3.98 -2.85 4.60
C VAL B 165 -3.82 -1.59 5.42
N THR B 166 -3.24 -1.67 6.61
CA THR B 166 -2.92 -0.48 7.41
C THR B 166 -1.41 -0.29 7.47
N TYR B 167 -1.01 0.98 7.42
CA TYR B 167 0.38 1.39 7.62
C TYR B 167 0.39 2.25 8.86
N THR B 168 1.02 1.79 9.94
CA THR B 168 0.96 2.49 11.23
C THR B 168 2.37 2.69 11.79
N GLY B 169 2.44 3.55 12.82
CA GLY B 169 3.76 3.85 13.35
C GLY B 169 4.56 4.74 12.45
N LEU B 170 3.92 5.64 11.71
CA LEU B 170 4.61 6.42 10.69
C LEU B 170 5.25 7.68 11.26
N ALA B 171 4.60 8.32 12.21
CA ALA B 171 5.15 9.59 12.75
C ALA B 171 5.96 9.35 14.03
#